data_6HXE
#
_entry.id   6HXE
#
_cell.length_a   58.500
_cell.length_b   58.500
_cell.length_c   85.400
_cell.angle_alpha   90.00
_cell.angle_beta   90.00
_cell.angle_gamma   120.00
#
_symmetry.space_group_name_H-M   'P 32'
#
loop_
_entity.id
_entity.type
_entity.pdbx_description
1 polymer 'Phosphoglycerate kinase'
2 non-polymer '3-PHOSPHOGLYCERIC ACID'
3 water water
#
_entity_poly.entity_id   1
_entity_poly.type   'polypeptide(L)'
_entity_poly.pdbx_seq_one_letter_code
;MTVLKMTDLDLQGKRVLIREDLNVPVKDGVVTSDARILASLPTIKLALEKGAAVMVCSHLGRPTEGEFSAENSLKPVADY
LSKALGREVPLVSDYLNGVDVKAGDIVLFENVRFNKGEKKNADELAKQYAALCDVFVMDAFGTAHRAEGSTHGVAKFAKV
AAAGPLLAAELDALGKALGAPAKPMAAIVAGSKVSTKLDVLNSLSQICDLLIVGGGIADTFLAAAGHPVGKSLYEPDLLD
TARAIAAKVNVPLPTDVVVAKEFAESAEATVKLIADVAADDMILDIGPQTAEHFAQLLKTSKTILWNGPVGVFEFDQFGN
GTKVLAKAIADSAAFSIAGGGDTLAAIDKYGVADQISQISTGGGAFLEFVEGKVLPAVEVLESRAKA
;
_entity_poly.pdbx_strand_id   A
#
# COMPACT_ATOMS: atom_id res chain seq x y z
N THR A 2 -0.38 -20.50 -4.61
CA THR A 2 -1.74 -21.04 -4.55
C THR A 2 -2.27 -21.11 -3.12
N VAL A 3 -3.41 -20.46 -2.87
CA VAL A 3 -4.01 -20.44 -1.55
C VAL A 3 -5.49 -20.81 -1.68
N LEU A 4 -6.03 -21.33 -0.58
CA LEU A 4 -7.46 -21.49 -0.46
C LEU A 4 -8.15 -20.13 -0.43
N LYS A 5 -9.37 -20.09 -0.96
CA LYS A 5 -10.17 -18.88 -1.05
C LYS A 5 -11.41 -19.04 -0.18
N MET A 6 -11.73 -18.01 0.60
CA MET A 6 -12.95 -18.06 1.39
C MET A 6 -14.18 -18.29 0.51
N THR A 7 -14.21 -17.67 -0.66
CA THR A 7 -15.39 -17.79 -1.53
C THR A 7 -15.65 -19.23 -1.93
N ASP A 8 -14.60 -20.05 -2.06
CA ASP A 8 -14.76 -21.43 -2.48
C ASP A 8 -15.12 -22.35 -1.33
N LEU A 9 -15.29 -21.83 -0.13
CA LEU A 9 -15.52 -22.65 1.05
C LEU A 9 -17.00 -22.72 1.37
N ASP A 10 -17.37 -23.78 2.08
CA ASP A 10 -18.68 -23.90 2.70
C ASP A 10 -18.57 -23.40 4.14
N LEU A 11 -19.29 -22.31 4.44
CA LEU A 11 -19.16 -21.63 5.72
C LEU A 11 -20.44 -21.67 6.56
N GLN A 12 -21.46 -22.42 6.13
CA GLN A 12 -22.75 -22.41 6.82
C GLN A 12 -22.61 -22.98 8.21
N GLY A 13 -22.94 -22.16 9.22
CA GLY A 13 -22.85 -22.54 10.62
C GLY A 13 -21.44 -22.60 11.17
N LYS A 14 -20.45 -22.21 10.38
CA LYS A 14 -19.06 -22.31 10.80
C LYS A 14 -18.58 -20.98 11.36
N ARG A 15 -17.77 -21.05 12.40
CA ARG A 15 -17.18 -19.85 12.97
C ARG A 15 -15.98 -19.41 12.14
N VAL A 16 -16.01 -18.18 11.68
CA VAL A 16 -15.02 -17.67 10.73
C VAL A 16 -14.37 -16.44 11.32
N LEU A 17 -13.06 -16.53 11.56
CA LEU A 17 -12.27 -15.38 12.02
C LEU A 17 -11.64 -14.72 10.81
N ILE A 18 -11.97 -13.46 10.56
CA ILE A 18 -11.48 -12.73 9.39
C ILE A 18 -10.54 -11.62 9.85
N ARG A 19 -9.28 -11.71 9.44
CA ARG A 19 -8.33 -10.62 9.69
C ARG A 19 -8.52 -9.61 8.57
N GLU A 20 -9.11 -8.46 8.90
CA GLU A 20 -9.26 -7.36 7.95
C GLU A 20 -8.22 -6.29 8.28
N ASP A 21 -8.03 -5.36 7.34
CA ASP A 21 -7.22 -4.17 7.59
C ASP A 21 -8.19 -3.01 7.83
N LEU A 22 -8.53 -2.79 9.10
CA LEU A 22 -9.42 -1.72 9.53
C LEU A 22 -8.65 -0.60 10.24
N ASN A 23 -7.38 -0.44 9.88
CA ASN A 23 -6.50 0.50 10.56
C ASN A 23 -6.71 1.89 9.97
N VAL A 24 -7.80 2.54 10.36
CA VAL A 24 -8.24 3.76 9.68
C VAL A 24 -7.93 4.97 10.57
N PRO A 25 -7.86 6.19 10.02
CA PRO A 25 -7.70 7.36 10.88
C PRO A 25 -8.86 7.50 11.83
N VAL A 26 -8.55 7.89 13.06
CA VAL A 26 -9.56 8.10 14.09
C VAL A 26 -9.18 9.35 14.87
N LYS A 27 -10.19 10.19 15.16
CA LYS A 27 -9.98 11.39 15.95
C LYS A 27 -11.12 11.53 16.94
N ASP A 28 -10.79 11.61 18.22
CA ASP A 28 -11.77 11.82 19.28
C ASP A 28 -12.84 10.71 19.26
N GLY A 29 -12.39 9.49 19.04
CA GLY A 29 -13.29 8.34 19.05
C GLY A 29 -14.16 8.21 17.82
N VAL A 30 -13.83 8.90 16.73
CA VAL A 30 -14.63 8.89 15.50
C VAL A 30 -13.74 8.50 14.32
N VAL A 31 -14.24 7.60 13.48
CA VAL A 31 -13.57 7.31 12.22
C VAL A 31 -13.68 8.54 11.32
N THR A 32 -12.54 9.01 10.81
CA THR A 32 -12.54 10.16 9.90
C THR A 32 -12.30 9.81 8.45
N SER A 33 -11.89 8.58 8.14
CA SER A 33 -11.79 8.12 6.77
C SER A 33 -11.93 6.61 6.77
N ASP A 34 -12.60 6.07 5.74
CA ASP A 34 -13.11 4.71 5.81
C ASP A 34 -12.76 3.86 4.59
N ALA A 35 -11.79 4.28 3.77
CA ALA A 35 -11.44 3.52 2.58
C ALA A 35 -11.11 2.06 2.90
N ARG A 36 -10.33 1.84 3.97
CA ARG A 36 -10.01 0.47 4.36
C ARG A 36 -11.26 -0.30 4.78
N ILE A 37 -12.20 0.36 5.48
CA ILE A 37 -13.40 -0.34 5.89
C ILE A 37 -14.29 -0.61 4.68
N LEU A 38 -14.44 0.38 3.79
CA LEU A 38 -15.25 0.17 2.59
C LEU A 38 -14.74 -1.00 1.78
N ALA A 39 -13.41 -1.10 1.61
CA ALA A 39 -12.83 -2.20 0.85
C ALA A 39 -13.13 -3.56 1.49
N SER A 40 -13.18 -3.62 2.84
CA SER A 40 -13.35 -4.90 3.54
C SER A 40 -14.80 -5.34 3.64
N LEU A 41 -15.75 -4.41 3.59
CA LEU A 41 -17.15 -4.77 3.81
C LEU A 41 -17.67 -5.86 2.88
N PRO A 42 -17.31 -5.94 1.60
CA PRO A 42 -17.84 -7.05 0.79
C PRO A 42 -17.37 -8.41 1.28
N THR A 43 -16.18 -8.50 1.86
CA THR A 43 -15.76 -9.74 2.50
C THR A 43 -16.67 -10.08 3.66
N ILE A 44 -16.89 -9.11 4.55
CA ILE A 44 -17.72 -9.34 5.72
C ILE A 44 -19.12 -9.75 5.31
N LYS A 45 -19.67 -9.05 4.31
CA LYS A 45 -21.03 -9.34 3.87
C LYS A 45 -21.14 -10.70 3.20
N LEU A 46 -20.12 -11.09 2.42
CA LEU A 46 -20.18 -12.39 1.77
C LEU A 46 -20.15 -13.51 2.80
N ALA A 47 -19.25 -13.42 3.78
CA ALA A 47 -19.18 -14.45 4.82
C ALA A 47 -20.51 -14.60 5.54
N LEU A 48 -21.16 -13.48 5.88
CA LEU A 48 -22.47 -13.54 6.49
C LEU A 48 -23.51 -14.14 5.54
N GLU A 49 -23.46 -13.77 4.27
CA GLU A 49 -24.36 -14.40 3.30
C GLU A 49 -24.08 -15.88 3.16
N LYS A 50 -22.84 -16.32 3.37
CA LYS A 50 -22.50 -17.73 3.26
C LYS A 50 -22.88 -18.51 4.51
N GLY A 51 -23.55 -17.90 5.48
CA GLY A 51 -24.02 -18.62 6.64
C GLY A 51 -23.06 -18.68 7.82
N ALA A 52 -22.01 -17.87 7.82
CA ALA A 52 -20.98 -17.94 8.83
C ALA A 52 -21.38 -17.22 10.12
N ALA A 53 -20.77 -17.64 11.23
CA ALA A 53 -20.66 -16.87 12.46
C ALA A 53 -19.35 -16.07 12.40
N VAL A 54 -19.44 -14.76 12.26
CA VAL A 54 -18.33 -13.95 11.78
C VAL A 54 -17.68 -13.21 12.94
N MET A 55 -16.37 -13.37 13.09
CA MET A 55 -15.55 -12.60 14.00
C MET A 55 -14.53 -11.83 13.16
N VAL A 56 -14.60 -10.50 13.22
CA VAL A 56 -13.66 -9.65 12.50
C VAL A 56 -12.62 -9.18 13.50
N CYS A 57 -11.36 -9.20 13.09
CA CYS A 57 -10.27 -8.67 13.90
C CYS A 57 -9.36 -7.81 13.02
N SER A 58 -8.66 -6.89 13.67
CA SER A 58 -7.76 -6.01 12.94
C SER A 58 -6.84 -5.34 13.95
N HIS A 59 -5.78 -4.74 13.43
CA HIS A 59 -4.96 -3.84 14.22
C HIS A 59 -5.43 -2.40 14.06
N LEU A 60 -4.99 -1.55 14.97
CA LEU A 60 -5.17 -0.12 14.82
C LEU A 60 -3.95 0.55 15.44
N GLY A 61 -3.15 1.23 14.63
CA GLY A 61 -1.97 1.87 15.17
C GLY A 61 -0.92 0.86 15.59
N ARG A 62 -0.03 1.30 16.48
CA ARG A 62 1.01 0.44 17.05
C ARG A 62 1.01 0.65 18.56
N PRO A 63 -0.04 0.20 19.25
CA PRO A 63 -0.14 0.46 20.69
C PRO A 63 0.87 -0.37 21.46
N THR A 64 0.96 -0.07 22.75
CA THR A 64 1.79 -0.88 23.64
C THR A 64 1.08 -2.18 23.97
N GLU A 65 1.77 -3.30 23.75
CA GLU A 65 1.18 -4.62 24.02
C GLU A 65 0.90 -4.79 25.49
N GLY A 66 -0.25 -5.39 25.81
CA GLY A 66 -0.59 -5.74 27.17
C GLY A 66 -1.29 -4.65 27.94
N GLU A 67 -1.53 -3.50 27.33
CA GLU A 67 -2.23 -2.39 27.95
C GLU A 67 -3.46 -2.06 27.11
N PHE A 68 -4.47 -1.52 27.76
CA PHE A 68 -5.56 -0.88 27.04
C PHE A 68 -5.20 0.58 26.80
N SER A 69 -5.25 1.01 25.55
CA SER A 69 -5.02 2.40 25.15
C SER A 69 -6.27 2.86 24.40
N ALA A 70 -7.08 3.71 25.06
CA ALA A 70 -8.37 4.11 24.48
C ALA A 70 -8.21 4.77 23.11
N GLU A 71 -7.11 5.47 22.89
CA GLU A 71 -6.90 6.09 21.59
C GLU A 71 -6.73 5.06 20.48
N ASN A 72 -6.33 3.83 20.82
CA ASN A 72 -6.12 2.78 19.85
C ASN A 72 -7.23 1.74 19.83
N SER A 73 -8.28 1.92 20.64
CA SER A 73 -9.38 0.96 20.66
C SER A 73 -10.11 0.95 19.33
N LEU A 74 -10.62 -0.22 18.96
CA LEU A 74 -11.39 -0.34 17.72
C LEU A 74 -12.85 0.01 17.92
N LYS A 75 -13.24 0.49 19.10
CA LYS A 75 -14.64 0.88 19.31
C LYS A 75 -15.17 1.82 18.22
N PRO A 76 -14.41 2.80 17.72
CA PRO A 76 -14.97 3.64 16.64
C PRO A 76 -15.29 2.85 15.39
N VAL A 77 -14.56 1.76 15.15
CA VAL A 77 -14.85 0.95 13.98
C VAL A 77 -16.08 0.08 14.22
N ALA A 78 -16.36 -0.30 15.48
CA ALA A 78 -17.61 -0.96 15.81
C ALA A 78 -18.79 -0.02 15.62
N ASP A 79 -18.67 1.23 16.09
CA ASP A 79 -19.69 2.22 15.80
C ASP A 79 -19.96 2.28 14.30
N TYR A 80 -18.88 2.38 13.52
CA TYR A 80 -19.00 2.53 12.07
C TYR A 80 -19.69 1.32 11.44
N LEU A 81 -19.23 0.11 11.79
CA LEU A 81 -19.78 -1.09 11.19
C LEU A 81 -21.26 -1.26 11.53
N SER A 82 -21.67 -0.87 12.74
CA SER A 82 -23.08 -0.95 13.10
C SER A 82 -23.94 -0.10 12.18
N LYS A 83 -23.46 1.12 11.87
CA LYS A 83 -24.22 1.99 10.97
C LYS A 83 -24.11 1.52 9.53
N ALA A 84 -22.98 0.94 9.16
CA ALA A 84 -22.85 0.45 7.79
C ALA A 84 -23.70 -0.80 7.57
N LEU A 85 -23.79 -1.67 8.56
CA LEU A 85 -24.48 -2.95 8.41
C LEU A 85 -25.93 -2.92 8.84
N GLY A 86 -26.41 -1.84 9.45
CA GLY A 86 -27.78 -1.81 9.90
C GLY A 86 -28.09 -2.76 11.03
N ARG A 87 -27.10 -3.03 11.88
CA ARG A 87 -27.25 -3.93 13.02
C ARG A 87 -26.17 -3.62 14.03
N GLU A 88 -26.45 -3.94 15.29
CA GLU A 88 -25.47 -3.73 16.33
C GLU A 88 -24.28 -4.65 16.09
N VAL A 89 -23.09 -4.07 15.91
CA VAL A 89 -21.88 -4.87 15.80
C VAL A 89 -21.10 -4.66 17.09
N PRO A 90 -21.16 -5.60 18.03
CA PRO A 90 -20.47 -5.39 19.30
C PRO A 90 -18.96 -5.47 19.16
N LEU A 91 -18.28 -4.57 19.86
CA LEU A 91 -16.86 -4.72 20.14
C LEU A 91 -16.72 -5.72 21.28
N VAL A 92 -15.93 -6.77 21.06
CA VAL A 92 -15.68 -7.78 22.08
C VAL A 92 -14.30 -7.53 22.66
N SER A 93 -14.24 -7.19 23.94
CA SER A 93 -12.99 -6.76 24.52
C SER A 93 -12.27 -7.87 25.26
N ASP A 94 -12.94 -8.98 25.51
CA ASP A 94 -12.27 -10.15 26.06
C ASP A 94 -12.77 -11.35 25.26
N TYR A 95 -11.91 -11.90 24.41
CA TYR A 95 -12.31 -12.97 23.49
C TYR A 95 -11.39 -14.16 23.46
N LEU A 96 -10.12 -14.01 23.86
CA LEU A 96 -9.19 -15.14 23.74
C LEU A 96 -9.59 -16.32 24.61
N ASN A 97 -10.47 -16.12 25.59
CA ASN A 97 -10.92 -17.19 26.47
C ASN A 97 -12.28 -17.74 26.07
N GLY A 98 -12.80 -17.33 24.93
CA GLY A 98 -14.12 -17.75 24.49
C GLY A 98 -14.93 -16.56 24.05
N VAL A 99 -15.71 -16.72 22.99
CA VAL A 99 -16.65 -15.70 22.52
C VAL A 99 -17.91 -16.40 22.05
N ASP A 100 -19.05 -15.74 22.26
CA ASP A 100 -20.37 -16.28 21.94
C ASP A 100 -20.90 -15.57 20.70
N VAL A 101 -20.90 -16.26 19.57
CA VAL A 101 -21.33 -15.65 18.31
C VAL A 101 -22.05 -16.72 17.50
N LYS A 102 -23.24 -16.40 17.01
CA LYS A 102 -24.06 -17.35 16.30
C LYS A 102 -23.96 -17.17 14.81
N ALA A 103 -24.29 -18.24 14.08
CA ALA A 103 -24.38 -18.15 12.64
C ALA A 103 -25.28 -17.00 12.25
N GLY A 104 -24.82 -16.17 11.30
CA GLY A 104 -25.56 -15.01 10.89
C GLY A 104 -25.25 -13.76 11.67
N ASP A 105 -24.46 -13.84 12.73
CA ASP A 105 -24.05 -12.70 13.52
C ASP A 105 -22.61 -12.31 13.23
N ILE A 106 -22.25 -11.10 13.66
CA ILE A 106 -20.91 -10.55 13.48
C ILE A 106 -20.51 -9.78 14.73
N VAL A 107 -19.25 -9.94 15.14
CA VAL A 107 -18.67 -9.16 16.22
C VAL A 107 -17.30 -8.65 15.75
N LEU A 108 -16.86 -7.58 16.39
CA LEU A 108 -15.56 -6.97 16.12
C LEU A 108 -14.67 -7.16 17.35
N PHE A 109 -13.58 -7.88 17.18
CA PHE A 109 -12.63 -8.04 18.27
C PHE A 109 -11.94 -6.71 18.54
N GLU A 110 -11.67 -6.44 19.81
CA GLU A 110 -10.79 -5.34 20.15
C GLU A 110 -9.41 -5.53 19.50
N ASN A 111 -8.74 -4.40 19.24
CA ASN A 111 -7.42 -4.29 18.64
C ASN A 111 -6.52 -5.50 18.93
N VAL A 112 -6.10 -6.21 17.89
CA VAL A 112 -5.27 -7.39 18.10
C VAL A 112 -3.94 -7.01 18.68
N ARG A 113 -3.49 -5.78 18.47
CA ARG A 113 -2.17 -5.38 18.93
C ARG A 113 -2.13 -4.96 20.39
N PHE A 114 -3.27 -4.97 21.09
CA PHE A 114 -3.23 -4.96 22.56
C PHE A 114 -2.71 -6.28 23.12
N ASN A 115 -2.79 -7.38 22.37
CA ASN A 115 -2.53 -8.70 22.93
C ASN A 115 -1.03 -8.95 23.04
N LYS A 116 -0.56 -9.28 24.25
CA LYS A 116 0.82 -9.69 24.42
C LYS A 116 1.12 -10.90 23.53
N GLY A 117 2.18 -10.80 22.73
CA GLY A 117 2.52 -11.84 21.78
C GLY A 117 2.03 -11.60 20.37
N GLU A 118 1.23 -10.56 20.13
CA GLU A 118 0.79 -10.27 18.75
C GLU A 118 1.98 -9.94 17.87
N LYS A 119 2.78 -8.95 18.27
CA LYS A 119 3.81 -8.45 17.37
C LYS A 119 4.85 -9.53 17.06
N LYS A 120 5.18 -10.37 18.03
CA LYS A 120 6.22 -11.37 17.85
C LYS A 120 5.66 -12.76 17.51
N ASN A 121 4.37 -12.85 17.18
CA ASN A 121 3.79 -14.08 16.61
C ASN A 121 3.82 -15.24 17.59
N ALA A 122 3.44 -14.99 18.84
CA ALA A 122 3.57 -16.03 19.88
C ALA A 122 2.63 -17.20 19.60
N ASP A 123 3.16 -18.43 19.73
CA ASP A 123 2.37 -19.63 19.52
C ASP A 123 1.14 -19.67 20.42
N GLU A 124 1.33 -19.36 21.71
CA GLU A 124 0.23 -19.40 22.66
C GLU A 124 -0.92 -18.53 22.18
N LEU A 125 -0.61 -17.30 21.75
CA LEU A 125 -1.63 -16.39 21.22
C LEU A 125 -2.20 -16.88 19.91
N ALA A 126 -1.34 -17.31 18.98
CA ALA A 126 -1.84 -17.86 17.73
C ALA A 126 -2.81 -19.00 17.97
N LYS A 127 -2.49 -19.88 18.93
CA LYS A 127 -3.37 -21.02 19.19
C LYS A 127 -4.68 -20.57 19.80
N GLN A 128 -4.67 -19.50 20.60
CA GLN A 128 -5.92 -18.99 21.16
C GLN A 128 -6.81 -18.40 20.07
N TYR A 129 -6.24 -17.64 19.13
CA TYR A 129 -7.04 -17.19 17.99
C TYR A 129 -7.64 -18.39 17.27
N ALA A 130 -6.79 -19.37 16.95
CA ALA A 130 -7.22 -20.47 16.09
C ALA A 130 -8.33 -21.28 16.76
N ALA A 131 -8.29 -21.35 18.10
CA ALA A 131 -9.30 -22.06 18.87
C ALA A 131 -10.67 -21.40 18.83
N LEU A 132 -10.74 -20.14 18.42
CA LEU A 132 -12.03 -19.45 18.39
C LEU A 132 -12.82 -19.73 17.12
N CYS A 133 -12.26 -20.44 16.15
CA CYS A 133 -12.89 -20.51 14.85
C CYS A 133 -12.68 -21.87 14.22
N ASP A 134 -13.54 -22.17 13.24
CA ASP A 134 -13.38 -23.29 12.33
C ASP A 134 -12.52 -22.94 11.12
N VAL A 135 -12.61 -21.70 10.66
CA VAL A 135 -11.92 -21.22 9.47
C VAL A 135 -11.25 -19.89 9.81
N PHE A 136 -9.99 -19.76 9.47
CA PHE A 136 -9.33 -18.46 9.52
C PHE A 136 -9.17 -17.92 8.11
N VAL A 137 -9.55 -16.65 7.91
CA VAL A 137 -9.45 -15.99 6.62
C VAL A 137 -8.55 -14.76 6.77
N MET A 138 -7.47 -14.74 6.00
CA MET A 138 -6.57 -13.60 5.96
C MET A 138 -7.01 -12.69 4.81
N ASP A 139 -7.44 -11.45 5.13
CA ASP A 139 -8.00 -10.52 4.15
C ASP A 139 -7.33 -9.15 4.26
N ALA A 140 -6.13 -9.09 4.82
CA ALA A 140 -5.46 -7.81 5.12
C ALA A 140 -4.12 -7.81 4.42
N PHE A 141 -4.13 -7.51 3.11
CA PHE A 141 -2.89 -7.46 2.34
C PHE A 141 -1.92 -6.44 2.93
N GLY A 142 -2.42 -5.30 3.38
CA GLY A 142 -1.55 -4.26 3.91
C GLY A 142 -0.78 -4.65 5.15
N THR A 143 -1.05 -5.82 5.74
CA THR A 143 -0.21 -6.35 6.81
C THR A 143 0.39 -7.70 6.45
N ALA A 144 0.27 -8.14 5.20
CA ALA A 144 0.73 -9.47 4.83
C ALA A 144 2.24 -9.62 4.91
N HIS A 145 2.97 -8.51 4.94
CA HIS A 145 4.41 -8.61 5.09
C HIS A 145 4.84 -8.85 6.53
N ARG A 146 3.91 -8.96 7.47
CA ARG A 146 4.22 -9.15 8.88
C ARG A 146 3.80 -10.54 9.32
N ALA A 147 4.68 -11.20 10.09
CA ALA A 147 4.33 -12.47 10.74
C ALA A 147 3.89 -12.10 12.14
N GLU A 148 2.60 -11.86 12.31
CA GLU A 148 2.05 -11.49 13.60
C GLU A 148 0.93 -12.47 14.00
N GLY A 149 0.56 -12.42 15.28
CA GLY A 149 -0.33 -13.45 15.82
C GLY A 149 -1.58 -13.65 14.99
N SER A 150 -2.20 -12.57 14.55
CA SER A 150 -3.47 -12.65 13.83
C SER A 150 -3.28 -12.55 12.32
N THR A 151 -2.05 -12.42 11.82
CA THR A 151 -1.80 -12.42 10.39
C THR A 151 -1.14 -13.69 9.90
N HIS A 152 -0.60 -14.50 10.81
CA HIS A 152 0.33 -15.55 10.40
C HIS A 152 0.22 -16.74 11.35
N GLY A 153 0.53 -16.52 12.63
CA GLY A 153 0.50 -17.61 13.58
C GLY A 153 -0.83 -18.34 13.61
N VAL A 154 -1.93 -17.59 13.60
CA VAL A 154 -3.27 -18.21 13.63
C VAL A 154 -3.43 -19.18 12.47
N ALA A 155 -2.89 -18.83 11.29
CA ALA A 155 -3.04 -19.69 10.13
C ALA A 155 -2.24 -20.98 10.24
N LYS A 156 -1.23 -21.04 11.12
CA LYS A 156 -0.54 -22.30 11.38
C LYS A 156 -1.48 -23.30 12.02
N PHE A 157 -2.35 -22.82 12.91
CA PHE A 157 -3.09 -23.73 13.78
C PHE A 157 -4.57 -23.85 13.47
N ALA A 158 -5.14 -22.95 12.67
CA ALA A 158 -6.56 -23.01 12.42
C ALA A 158 -6.89 -24.26 11.62
N LYS A 159 -8.06 -24.83 11.89
CA LYS A 159 -8.47 -26.05 11.20
C LYS A 159 -8.42 -25.85 9.68
N VAL A 160 -8.92 -24.71 9.21
CA VAL A 160 -8.83 -24.34 7.80
C VAL A 160 -8.33 -22.90 7.72
N ALA A 161 -7.40 -22.64 6.80
CA ALA A 161 -6.83 -21.30 6.65
C ALA A 161 -6.91 -20.89 5.18
N ALA A 162 -7.49 -19.74 4.92
CA ALA A 162 -7.78 -19.33 3.56
C ALA A 162 -7.56 -17.84 3.40
N ALA A 163 -7.41 -17.42 2.15
CA ALA A 163 -7.34 -16.01 1.78
C ALA A 163 -8.74 -15.45 1.60
N GLY A 164 -8.89 -14.16 1.87
CA GLY A 164 -10.15 -13.49 1.63
C GLY A 164 -10.20 -12.91 0.24
N PRO A 165 -11.39 -12.47 -0.17
CA PRO A 165 -11.56 -11.94 -1.54
C PRO A 165 -10.69 -10.73 -1.84
N LEU A 166 -10.51 -9.84 -0.87
CA LEU A 166 -9.68 -8.65 -1.08
C LEU A 166 -8.20 -9.01 -1.17
N LEU A 167 -7.71 -9.92 -0.31
CA LEU A 167 -6.33 -10.37 -0.45
C LEU A 167 -6.09 -11.02 -1.80
N ALA A 168 -7.01 -11.89 -2.23
CA ALA A 168 -6.82 -12.54 -3.53
C ALA A 168 -6.82 -11.51 -4.66
N ALA A 169 -7.71 -10.53 -4.57
CA ALA A 169 -7.78 -9.52 -5.63
C ALA A 169 -6.49 -8.71 -5.70
N GLU A 170 -5.90 -8.37 -4.54
CA GLU A 170 -4.66 -7.60 -4.58
C GLU A 170 -3.50 -8.42 -5.12
N LEU A 171 -3.40 -9.70 -4.72
CA LEU A 171 -2.38 -10.57 -5.29
C LEU A 171 -2.57 -10.74 -6.81
N ASP A 172 -3.83 -10.80 -7.26
CA ASP A 172 -4.09 -10.93 -8.69
C ASP A 172 -3.62 -9.69 -9.44
N ALA A 173 -4.03 -8.51 -8.98
CA ALA A 173 -3.69 -7.29 -9.69
C ALA A 173 -2.18 -7.08 -9.72
N LEU A 174 -1.52 -7.29 -8.58
CA LEU A 174 -0.07 -7.16 -8.53
C LEU A 174 0.58 -8.20 -9.41
N GLY A 175 0.10 -9.44 -9.35
CA GLY A 175 0.58 -10.45 -10.28
C GLY A 175 0.42 -10.01 -11.72
N LYS A 176 -0.68 -9.33 -12.05
CA LYS A 176 -0.89 -8.83 -13.41
C LYS A 176 0.18 -7.82 -13.80
N ALA A 177 0.47 -6.88 -12.90
CA ALA A 177 1.40 -5.80 -13.23
C ALA A 177 2.87 -6.22 -13.17
N LEU A 178 3.20 -7.25 -12.38
CA LEU A 178 4.58 -7.61 -12.11
C LEU A 178 5.00 -8.98 -12.62
N GLY A 179 4.06 -9.87 -12.88
CA GLY A 179 4.38 -11.23 -13.31
C GLY A 179 4.90 -11.26 -14.73
N ALA A 180 4.04 -10.91 -15.69
CA ALA A 180 4.46 -10.73 -17.08
C ALA A 180 3.60 -9.63 -17.68
N PRO A 181 3.92 -8.37 -17.40
CA PRO A 181 3.00 -7.29 -17.76
C PRO A 181 2.91 -7.11 -19.26
N ALA A 182 1.76 -6.58 -19.69
CA ALA A 182 1.65 -6.10 -21.06
C ALA A 182 2.67 -4.99 -21.28
N LYS A 183 3.40 -5.06 -22.42
CA LYS A 183 4.50 -4.15 -22.71
C LYS A 183 4.06 -3.06 -23.68
N PRO A 184 4.68 -1.87 -23.65
CA PRO A 184 5.73 -1.53 -22.69
C PRO A 184 5.17 -1.21 -21.30
N MET A 185 5.96 -1.47 -20.28
CA MET A 185 5.56 -1.20 -18.91
C MET A 185 6.40 -0.08 -18.32
N ALA A 186 5.72 0.96 -17.83
CA ALA A 186 6.35 2.09 -17.18
C ALA A 186 6.13 2.00 -15.67
N ALA A 187 7.17 2.33 -14.90
CA ALA A 187 7.06 2.48 -13.46
C ALA A 187 7.50 3.88 -13.10
N ILE A 188 6.78 4.50 -12.16
CA ILE A 188 7.18 5.77 -11.57
C ILE A 188 7.55 5.47 -10.13
N VAL A 189 8.78 5.78 -9.74
CA VAL A 189 9.24 5.54 -8.38
C VAL A 189 9.85 6.84 -7.87
N ALA A 190 9.28 7.39 -6.79
CA ALA A 190 9.84 8.58 -6.16
C ALA A 190 10.08 8.34 -4.67
N GLY A 191 10.98 9.12 -4.11
CA GLY A 191 11.31 9.00 -2.70
C GLY A 191 12.51 9.87 -2.40
N SER A 192 12.83 9.95 -1.12
CA SER A 192 13.93 10.83 -0.75
C SER A 192 15.30 10.21 -0.98
N LYS A 193 15.38 8.89 -1.13
CA LYS A 193 16.69 8.23 -1.25
C LYS A 193 16.65 6.96 -2.08
N VAL A 194 17.58 6.84 -3.01
CA VAL A 194 17.82 5.57 -3.69
C VAL A 194 18.05 4.47 -2.65
N SER A 195 18.88 4.75 -1.64
CA SER A 195 19.27 3.70 -0.70
C SER A 195 18.06 3.11 0.00
N THR A 196 17.04 3.91 0.28
CA THR A 196 15.88 3.39 1.01
C THR A 196 14.88 2.64 0.12
N LYS A 197 14.92 2.85 -1.20
CA LYS A 197 14.09 2.11 -2.13
C LYS A 197 14.95 1.34 -3.13
N LEU A 198 16.18 1.00 -2.73
CA LEU A 198 17.08 0.27 -3.63
C LEU A 198 16.47 -1.06 -4.07
N ASP A 199 15.87 -1.80 -3.14
CA ASP A 199 15.29 -3.08 -3.51
C ASP A 199 14.13 -2.89 -4.49
N VAL A 200 13.32 -1.85 -4.28
CA VAL A 200 12.23 -1.57 -5.22
C VAL A 200 12.79 -1.25 -6.61
N LEU A 201 13.79 -0.37 -6.65
CA LEU A 201 14.36 0.05 -7.92
C LEU A 201 15.01 -1.12 -8.65
N ASN A 202 15.79 -1.94 -7.94
CA ASN A 202 16.48 -3.04 -8.61
C ASN A 202 15.49 -4.07 -9.13
N SER A 203 14.44 -4.36 -8.35
CA SER A 203 13.43 -5.31 -8.80
C SER A 203 12.72 -4.81 -10.06
N LEU A 204 12.31 -3.54 -10.04
CA LEU A 204 11.59 -2.98 -11.17
C LEU A 204 12.48 -2.87 -12.40
N SER A 205 13.80 -2.66 -12.20
CA SER A 205 14.75 -2.62 -13.29
C SER A 205 14.76 -3.91 -14.11
N GLN A 206 14.35 -5.02 -13.52
CA GLN A 206 14.32 -6.30 -14.20
C GLN A 206 12.93 -6.62 -14.73
N ILE A 207 11.99 -5.69 -14.63
CA ILE A 207 10.58 -5.91 -14.92
C ILE A 207 10.08 -4.88 -15.91
N CYS A 208 10.29 -3.60 -15.63
CA CYS A 208 9.67 -2.57 -16.44
C CYS A 208 10.57 -2.18 -17.60
N ASP A 209 9.99 -1.45 -18.56
CA ASP A 209 10.73 -0.98 -19.72
C ASP A 209 11.11 0.49 -19.63
N LEU A 210 10.37 1.28 -18.85
CA LEU A 210 10.71 2.67 -18.58
C LEU A 210 10.63 2.89 -17.08
N LEU A 211 11.66 3.50 -16.50
CA LEU A 211 11.70 3.78 -15.06
C LEU A 211 11.80 5.29 -14.86
N ILE A 212 10.67 5.93 -14.60
CA ILE A 212 10.61 7.35 -14.29
C ILE A 212 10.86 7.52 -12.79
N VAL A 213 11.93 8.21 -12.44
CA VAL A 213 12.24 8.43 -11.05
C VAL A 213 11.84 9.84 -10.68
N GLY A 214 11.58 10.06 -9.38
CA GLY A 214 11.17 11.36 -8.89
C GLY A 214 11.78 11.64 -7.53
N GLY A 215 11.69 12.90 -7.11
CA GLY A 215 12.17 13.27 -5.79
C GLY A 215 13.68 13.11 -5.65
N GLY A 216 14.11 12.81 -4.42
CA GLY A 216 15.51 12.60 -4.14
C GLY A 216 16.13 11.44 -4.89
N ILE A 217 15.34 10.42 -5.23
CA ILE A 217 15.83 9.38 -6.13
C ILE A 217 16.26 10.00 -7.45
N ALA A 218 15.45 10.92 -7.99
CA ALA A 218 15.79 11.56 -9.26
C ALA A 218 17.03 12.43 -9.14
N ASP A 219 17.23 13.07 -7.98
CA ASP A 219 18.43 13.88 -7.80
C ASP A 219 19.68 13.03 -7.94
N THR A 220 19.69 11.83 -7.34
CA THR A 220 20.88 10.99 -7.42
C THR A 220 21.12 10.49 -8.85
N PHE A 221 20.05 10.20 -9.59
CA PHE A 221 20.23 9.81 -10.99
C PHE A 221 20.70 10.99 -11.83
N LEU A 222 20.22 12.20 -11.55
CA LEU A 222 20.71 13.39 -12.24
C LEU A 222 22.17 13.64 -11.93
N ALA A 223 22.55 13.55 -10.66
CA ALA A 223 23.94 13.68 -10.28
C ALA A 223 24.81 12.61 -10.94
N ALA A 224 24.34 11.36 -10.93
CA ALA A 224 25.10 10.27 -11.52
C ALA A 224 25.33 10.48 -13.01
N ALA A 225 24.46 11.23 -13.67
CA ALA A 225 24.66 11.56 -15.07
C ALA A 225 25.47 12.83 -15.26
N GLY A 226 26.01 13.39 -14.18
CA GLY A 226 26.75 14.63 -14.29
C GLY A 226 25.91 15.88 -14.37
N HIS A 227 24.66 15.84 -13.88
CA HIS A 227 23.90 17.08 -13.95
C HIS A 227 23.95 17.82 -12.63
N PRO A 228 23.79 19.15 -12.63
CA PRO A 228 23.80 19.88 -11.36
C PRO A 228 22.44 19.79 -10.69
N VAL A 229 22.43 19.46 -9.40
CA VAL A 229 21.20 19.39 -8.63
C VAL A 229 21.11 20.45 -7.54
N GLY A 230 22.14 21.27 -7.37
CA GLY A 230 22.06 22.38 -6.42
C GLY A 230 21.84 21.89 -5.01
N LYS A 231 20.95 22.58 -4.29
CA LYS A 231 20.68 22.28 -2.88
C LYS A 231 19.55 21.26 -2.76
N SER A 232 19.77 20.10 -3.36
CA SER A 232 18.78 19.03 -3.39
C SER A 232 19.44 17.75 -2.92
N LEU A 233 18.72 16.96 -2.12
CA LEU A 233 19.32 15.82 -1.46
C LEU A 233 19.72 14.77 -2.49
N TYR A 234 20.98 14.34 -2.44
CA TYR A 234 21.38 13.20 -3.24
C TYR A 234 22.41 12.41 -2.46
N GLU A 235 22.67 11.19 -2.93
CA GLU A 235 23.56 10.28 -2.24
C GLU A 235 24.79 10.00 -3.10
N PRO A 236 25.89 10.72 -2.90
CA PRO A 236 27.08 10.48 -3.74
C PRO A 236 27.53 9.03 -3.71
N ASP A 237 27.33 8.32 -2.59
CA ASP A 237 27.79 6.95 -2.49
C ASP A 237 26.98 6.01 -3.37
N LEU A 238 25.75 6.37 -3.72
CA LEU A 238 24.87 5.57 -4.55
C LEU A 238 24.98 5.89 -6.03
N LEU A 239 25.91 6.77 -6.41
CA LEU A 239 25.98 7.20 -7.81
C LEU A 239 26.26 6.03 -8.75
N ASP A 240 27.18 5.14 -8.35
CA ASP A 240 27.49 3.99 -9.22
C ASP A 240 26.30 3.06 -9.30
N THR A 241 25.58 2.86 -8.20
CA THR A 241 24.38 2.04 -8.22
C THR A 241 23.36 2.58 -9.22
N ALA A 242 23.07 3.88 -9.15
CA ALA A 242 22.11 4.48 -10.07
C ALA A 242 22.53 4.29 -11.52
N ARG A 243 23.83 4.47 -11.81
CA ARG A 243 24.33 4.23 -13.15
C ARG A 243 24.15 2.77 -13.56
N ALA A 244 24.36 1.85 -12.63
CA ALA A 244 24.10 0.44 -12.93
C ALA A 244 22.63 0.20 -13.24
N ILE A 245 21.73 0.85 -12.49
CA ILE A 245 20.29 0.69 -12.73
C ILE A 245 19.93 1.27 -14.09
N ALA A 246 20.45 2.45 -14.41
CA ALA A 246 20.18 3.08 -15.68
C ALA A 246 20.78 2.30 -16.85
N ALA A 247 21.77 1.45 -16.57
CA ALA A 247 22.25 0.53 -17.60
C ALA A 247 21.31 -0.65 -17.79
N LYS A 248 20.57 -1.04 -16.75
CA LYS A 248 19.69 -2.20 -16.84
C LYS A 248 18.34 -1.85 -17.45
N VAL A 249 17.87 -0.61 -17.28
CA VAL A 249 16.55 -0.20 -17.74
C VAL A 249 16.65 1.27 -18.13
N ASN A 250 15.79 1.67 -19.08
CA ASN A 250 15.75 3.05 -19.54
C ASN A 250 15.20 3.95 -18.43
N VAL A 251 16.03 4.88 -17.97
CA VAL A 251 15.64 5.84 -16.95
C VAL A 251 15.68 7.23 -17.60
N PRO A 252 14.58 7.71 -18.18
CA PRO A 252 14.59 9.05 -18.77
C PRO A 252 14.89 10.11 -17.70
N LEU A 253 15.71 11.01 -18.02
CA LEU A 253 15.98 12.03 -17.01
C LEU A 253 15.28 13.34 -17.36
N PRO A 254 14.97 14.18 -16.36
CA PRO A 254 14.33 15.46 -16.65
C PRO A 254 15.19 16.30 -17.59
N THR A 255 14.54 16.92 -18.57
CA THR A 255 15.21 17.94 -19.33
C THR A 255 15.01 19.33 -18.73
N ASP A 256 13.93 19.56 -17.98
CA ASP A 256 13.71 20.82 -17.29
C ASP A 256 13.07 20.54 -15.93
N VAL A 257 13.19 21.53 -15.04
CA VAL A 257 12.81 21.39 -13.63
C VAL A 257 12.24 22.72 -13.15
N VAL A 258 11.49 22.66 -12.04
CA VAL A 258 11.04 23.85 -11.33
C VAL A 258 11.85 23.97 -10.05
N VAL A 259 12.47 25.13 -9.85
CA VAL A 259 13.35 25.35 -8.71
C VAL A 259 12.88 26.54 -7.90
N ALA A 260 13.26 26.54 -6.63
CA ALA A 260 13.14 27.71 -5.78
C ALA A 260 14.33 27.69 -4.83
N LYS A 261 14.79 28.88 -4.43
CA LYS A 261 15.89 28.97 -3.48
C LYS A 261 15.43 28.72 -2.06
N GLU A 262 14.16 28.96 -1.75
CA GLU A 262 13.64 28.90 -0.39
C GLU A 262 12.12 28.90 -0.45
N PHE A 263 11.49 28.59 0.68
CA PHE A 263 10.05 28.72 0.86
C PHE A 263 9.81 30.02 1.64
N ALA A 264 9.49 31.09 0.92
CA ALA A 264 9.32 32.43 1.49
C ALA A 264 8.46 33.24 0.52
N GLU A 265 7.85 34.31 1.04
CA GLU A 265 6.99 35.16 0.20
C GLU A 265 7.79 35.96 -0.83
N SER A 266 9.10 36.11 -0.65
CA SER A 266 9.91 36.81 -1.64
C SER A 266 10.49 35.90 -2.72
N ALA A 267 10.33 34.58 -2.58
CA ALA A 267 10.93 33.65 -3.52
C ALA A 267 9.99 33.39 -4.68
N GLU A 268 10.57 33.18 -5.85
CA GLU A 268 9.82 32.85 -7.05
C GLU A 268 10.16 31.43 -7.46
N ALA A 269 9.16 30.68 -7.91
CA ALA A 269 9.39 29.37 -8.50
C ALA A 269 9.72 29.53 -9.99
N THR A 270 10.79 28.89 -10.44
CA THR A 270 11.35 29.12 -11.77
C THR A 270 11.60 27.81 -12.50
N VAL A 271 11.26 27.79 -13.77
CA VAL A 271 11.60 26.69 -14.66
C VAL A 271 12.99 26.94 -15.24
N LYS A 272 13.87 25.96 -15.09
CA LYS A 272 15.17 26.01 -15.72
C LYS A 272 15.42 24.71 -16.47
N LEU A 273 16.28 24.77 -17.47
CA LEU A 273 16.86 23.56 -18.03
C LEU A 273 17.79 22.93 -17.01
N ILE A 274 17.84 21.59 -17.02
CA ILE A 274 18.62 20.88 -16.01
C ILE A 274 20.04 21.42 -15.89
N ALA A 275 20.65 21.83 -17.00
CA ALA A 275 22.04 22.33 -16.95
C ALA A 275 22.18 23.66 -16.23
N ASP A 276 21.09 24.40 -16.06
CA ASP A 276 21.13 25.75 -15.50
C ASP A 276 20.74 25.80 -14.03
N VAL A 277 20.51 24.67 -13.37
CA VAL A 277 20.26 24.66 -11.94
C VAL A 277 21.45 25.27 -11.22
N ALA A 278 21.19 26.31 -10.41
CA ALA A 278 22.18 26.98 -9.59
C ALA A 278 22.50 26.16 -8.35
N ALA A 279 23.67 26.43 -7.76
CA ALA A 279 24.13 25.70 -6.58
C ALA A 279 23.22 25.90 -5.36
N ASP A 280 22.42 26.97 -5.34
CA ASP A 280 21.49 27.20 -4.24
C ASP A 280 20.03 26.99 -4.66
N ASP A 281 19.78 26.43 -5.85
CA ASP A 281 18.43 26.06 -6.24
C ASP A 281 18.03 24.71 -5.66
N MET A 282 16.78 24.62 -5.20
CA MET A 282 16.18 23.35 -4.82
C MET A 282 15.31 22.85 -5.98
N ILE A 283 15.54 21.61 -6.41
CA ILE A 283 14.72 20.99 -7.44
C ILE A 283 13.45 20.47 -6.79
N LEU A 284 12.30 21.07 -7.13
CA LEU A 284 11.07 20.81 -6.42
C LEU A 284 9.94 20.29 -7.30
N ASP A 285 10.11 20.27 -8.62
CA ASP A 285 9.16 19.60 -9.52
C ASP A 285 9.88 19.38 -10.84
N ILE A 286 9.34 18.49 -11.65
CA ILE A 286 9.80 18.41 -13.03
C ILE A 286 9.21 19.57 -13.80
N GLY A 287 9.91 19.99 -14.85
CA GLY A 287 9.47 21.11 -15.66
C GLY A 287 8.43 20.68 -16.68
N PRO A 288 7.86 21.68 -17.34
CA PRO A 288 6.77 21.40 -18.29
C PRO A 288 7.18 20.57 -19.50
N GLN A 289 8.39 20.74 -20.03
CA GLN A 289 8.80 19.90 -21.16
C GLN A 289 8.95 18.46 -20.72
N THR A 290 9.63 18.24 -19.58
CA THR A 290 9.74 16.91 -18.99
C THR A 290 8.37 16.29 -18.74
N ALA A 291 7.42 17.09 -18.22
CA ALA A 291 6.09 16.55 -17.93
C ALA A 291 5.37 16.14 -19.21
N GLU A 292 5.53 16.93 -20.28
CA GLU A 292 4.94 16.56 -21.55
C GLU A 292 5.55 15.29 -22.11
N HIS A 293 6.89 15.18 -22.07
CA HIS A 293 7.54 13.96 -22.56
C HIS A 293 7.09 12.75 -21.77
N PHE A 294 7.11 12.86 -20.43
CA PHE A 294 6.68 11.75 -19.57
C PHE A 294 5.24 11.37 -19.85
N ALA A 295 4.35 12.35 -20.02
CA ALA A 295 2.95 12.06 -20.29
C ALA A 295 2.79 11.24 -21.56
N GLN A 296 3.55 11.59 -22.61
CA GLN A 296 3.47 10.83 -23.85
C GLN A 296 3.96 9.39 -23.64
N LEU A 297 4.98 9.21 -22.79
CA LEU A 297 5.47 7.86 -22.51
C LEU A 297 4.44 7.04 -21.76
N LEU A 298 3.70 7.68 -20.86
CA LEU A 298 2.72 6.95 -20.07
C LEU A 298 1.54 6.52 -20.93
N LYS A 299 1.14 7.36 -21.89
CA LYS A 299 -0.01 7.00 -22.70
C LYS A 299 0.37 6.03 -23.82
N THR A 300 1.66 5.76 -24.03
CA THR A 300 2.07 4.63 -24.87
C THR A 300 2.21 3.31 -24.10
N SER A 301 2.31 3.35 -22.78
CA SER A 301 2.49 2.13 -22.01
C SER A 301 1.20 1.34 -21.91
N LYS A 302 1.34 0.02 -21.84
CA LYS A 302 0.21 -0.87 -21.60
C LYS A 302 0.09 -1.28 -20.13
N THR A 303 1.14 -1.02 -19.33
CA THR A 303 1.15 -1.25 -17.89
C THR A 303 1.86 -0.08 -17.22
N ILE A 304 1.26 0.43 -16.15
CA ILE A 304 1.87 1.50 -15.36
C ILE A 304 1.84 1.11 -13.89
N LEU A 305 3.01 1.14 -13.27
CA LEU A 305 3.18 1.06 -11.83
C LEU A 305 3.50 2.46 -11.29
N TRP A 306 2.61 3.03 -10.48
CA TRP A 306 2.77 4.41 -10.01
C TRP A 306 3.08 4.40 -8.52
N ASN A 307 4.34 4.71 -8.18
CA ASN A 307 4.80 4.77 -6.79
C ASN A 307 5.51 6.10 -6.53
N GLY A 308 4.78 7.21 -6.65
CA GLY A 308 5.29 8.48 -6.18
C GLY A 308 4.98 9.68 -7.06
N PRO A 309 4.82 10.84 -6.44
CA PRO A 309 4.71 12.10 -7.19
C PRO A 309 6.07 12.53 -7.71
N VAL A 310 6.06 13.49 -8.63
CA VAL A 310 7.30 13.97 -9.21
C VAL A 310 7.64 15.38 -8.73
N GLY A 311 6.88 15.92 -7.78
CA GLY A 311 7.14 17.24 -7.25
C GLY A 311 6.39 17.44 -5.96
N VAL A 312 6.77 18.50 -5.23
CA VAL A 312 6.09 18.81 -3.97
C VAL A 312 4.71 19.38 -4.29
N PHE A 313 3.78 18.50 -4.69
CA PHE A 313 2.58 18.95 -5.39
C PHE A 313 1.56 19.64 -4.48
N GLU A 314 1.70 19.57 -3.16
CA GLU A 314 0.80 20.35 -2.32
C GLU A 314 1.00 21.85 -2.56
N PHE A 315 2.15 22.23 -3.08
CA PHE A 315 2.35 23.58 -3.62
C PHE A 315 1.99 23.57 -5.09
N ASP A 316 1.04 24.42 -5.49
CA ASP A 316 0.63 24.45 -6.88
C ASP A 316 1.78 24.84 -7.81
N GLN A 317 2.69 25.70 -7.36
CA GLN A 317 3.84 26.02 -8.20
C GLN A 317 4.76 24.82 -8.39
N PHE A 318 4.65 23.80 -7.55
CA PHE A 318 5.42 22.58 -7.73
C PHE A 318 4.52 21.39 -8.02
N GLY A 319 3.29 21.66 -8.46
CA GLY A 319 2.34 20.60 -8.70
C GLY A 319 2.09 20.23 -10.15
N ASN A 320 2.64 21.01 -11.10
CA ASN A 320 2.30 20.76 -12.51
C ASN A 320 2.79 19.39 -12.95
N GLY A 321 4.00 19.02 -12.57
CA GLY A 321 4.54 17.73 -13.00
C GLY A 321 3.63 16.58 -12.61
N THR A 322 3.18 16.56 -11.34
CA THR A 322 2.35 15.46 -10.85
C THR A 322 0.92 15.56 -11.41
N LYS A 323 0.40 16.78 -11.55
CA LYS A 323 -0.91 16.93 -12.19
C LYS A 323 -0.90 16.36 -13.60
N VAL A 324 0.11 16.73 -14.38
CA VAL A 324 0.20 16.24 -15.76
C VAL A 324 0.35 14.72 -15.78
N LEU A 325 1.19 14.17 -14.88
CA LEU A 325 1.39 12.73 -14.88
C LEU A 325 0.15 11.98 -14.44
N ALA A 326 -0.54 12.50 -13.41
CA ALA A 326 -1.79 11.87 -12.99
C ALA A 326 -2.82 11.87 -14.10
N LYS A 327 -2.93 12.99 -14.81
CA LYS A 327 -3.90 13.04 -15.91
C LYS A 327 -3.50 12.09 -17.04
N ALA A 328 -2.20 11.98 -17.31
CA ALA A 328 -1.75 11.07 -18.35
C ALA A 328 -2.08 9.63 -18.00
N ILE A 329 -1.83 9.25 -16.75
CA ILE A 329 -2.15 7.90 -16.31
C ILE A 329 -3.65 7.67 -16.38
N ALA A 330 -4.43 8.71 -16.04
CA ALA A 330 -5.89 8.58 -16.13
C ALA A 330 -6.34 8.41 -17.56
N ASP A 331 -5.69 9.11 -18.50
CA ASP A 331 -6.05 9.00 -19.91
C ASP A 331 -5.53 7.74 -20.58
N SER A 332 -4.48 7.13 -20.02
CA SER A 332 -3.78 6.06 -20.72
C SER A 332 -4.60 4.78 -20.76
N ALA A 333 -4.47 4.05 -21.87
CA ALA A 333 -5.07 2.75 -22.02
C ALA A 333 -4.45 1.70 -21.12
N ALA A 334 -3.30 1.98 -20.51
CA ALA A 334 -2.60 0.99 -19.71
C ALA A 334 -3.43 0.51 -18.53
N PHE A 335 -3.15 -0.73 -18.11
CA PHE A 335 -3.52 -1.17 -16.77
C PHE A 335 -2.62 -0.47 -15.76
N SER A 336 -3.19 0.33 -14.88
CA SER A 336 -2.40 1.12 -13.94
C SER A 336 -2.61 0.59 -12.53
N ILE A 337 -1.52 0.37 -11.79
CA ILE A 337 -1.65 0.20 -10.36
C ILE A 337 -0.81 1.25 -9.66
N ALA A 338 -1.32 1.69 -8.51
CA ALA A 338 -0.74 2.79 -7.75
C ALA A 338 -0.62 2.40 -6.29
N GLY A 339 0.46 2.82 -5.64
CA GLY A 339 0.65 2.50 -4.23
C GLY A 339 1.56 3.50 -3.57
N GLY A 340 1.38 3.66 -2.27
CA GLY A 340 2.18 4.63 -1.53
C GLY A 340 1.31 5.79 -1.10
N GLY A 341 1.57 6.30 0.10
CA GLY A 341 0.69 7.31 0.66
C GLY A 341 0.67 8.59 -0.16
N ASP A 342 1.84 9.07 -0.57
CA ASP A 342 1.88 10.29 -1.36
C ASP A 342 1.19 10.10 -2.70
N THR A 343 1.28 8.91 -3.27
CA THR A 343 0.62 8.63 -4.54
C THR A 343 -0.89 8.69 -4.37
N LEU A 344 -1.42 8.08 -3.31
CA LEU A 344 -2.86 8.12 -3.11
C LEU A 344 -3.32 9.54 -2.83
N ALA A 345 -2.51 10.31 -2.11
CA ALA A 345 -2.83 11.72 -1.93
C ALA A 345 -2.89 12.43 -3.26
N ALA A 346 -1.93 12.16 -4.14
CA ALA A 346 -1.97 12.76 -5.47
C ALA A 346 -3.22 12.31 -6.22
N ILE A 347 -3.54 11.01 -6.16
CA ILE A 347 -4.71 10.53 -6.88
C ILE A 347 -5.95 11.25 -6.39
N ASP A 348 -6.06 11.44 -5.07
CA ASP A 348 -7.21 12.12 -4.49
C ASP A 348 -7.25 13.58 -4.90
N LYS A 349 -6.11 14.27 -4.83
CA LYS A 349 -6.07 15.69 -5.13
C LYS A 349 -6.51 15.95 -6.56
N TYR A 350 -5.99 15.19 -7.51
CA TYR A 350 -6.27 15.48 -8.91
C TYR A 350 -7.47 14.70 -9.43
N GLY A 351 -8.17 13.97 -8.56
CA GLY A 351 -9.44 13.34 -8.90
C GLY A 351 -9.43 12.32 -10.03
N VAL A 352 -8.47 11.40 -10.04
CA VAL A 352 -8.35 10.40 -11.09
C VAL A 352 -8.55 8.98 -10.57
N ALA A 353 -9.04 8.83 -9.34
CA ALA A 353 -9.12 7.51 -8.72
C ALA A 353 -9.92 6.54 -9.58
N ASP A 354 -11.05 7.00 -10.15
CA ASP A 354 -11.86 6.16 -11.02
C ASP A 354 -11.12 5.64 -12.23
N GLN A 355 -10.03 6.30 -12.62
CA GLN A 355 -9.34 5.97 -13.86
C GLN A 355 -8.05 5.19 -13.62
N ILE A 356 -7.78 4.82 -12.39
CA ILE A 356 -6.66 3.93 -12.05
C ILE A 356 -7.20 2.52 -11.97
N SER A 357 -6.48 1.57 -12.58
CA SER A 357 -7.01 0.21 -12.63
C SER A 357 -7.07 -0.42 -11.25
N GLN A 358 -6.02 -0.27 -10.45
CA GLN A 358 -6.00 -0.80 -9.09
C GLN A 358 -5.21 0.12 -8.17
N ILE A 359 -5.82 0.51 -7.05
CA ILE A 359 -5.18 1.35 -6.05
C ILE A 359 -4.95 0.49 -4.81
N SER A 360 -3.68 0.22 -4.51
CA SER A 360 -3.32 -0.54 -3.31
C SER A 360 -3.26 0.39 -2.10
N THR A 361 -4.00 0.04 -1.04
CA THR A 361 -4.00 0.83 0.19
C THR A 361 -2.92 0.42 1.20
N GLY A 362 -2.23 -0.70 0.98
CA GLY A 362 -1.23 -1.15 1.95
C GLY A 362 0.22 -0.93 1.56
N GLY A 363 0.69 0.33 1.61
CA GLY A 363 2.02 0.73 1.20
C GLY A 363 3.18 -0.20 1.48
N GLY A 364 3.42 -0.53 2.75
CA GLY A 364 4.58 -1.34 3.09
C GLY A 364 4.55 -2.73 2.48
N ALA A 365 3.40 -3.40 2.55
CA ALA A 365 3.28 -4.70 1.91
C ALA A 365 3.30 -4.56 0.39
N PHE A 366 2.78 -3.46 -0.13
CA PHE A 366 2.83 -3.20 -1.56
C PHE A 366 4.28 -3.15 -2.04
N LEU A 367 5.14 -2.42 -1.33
CA LEU A 367 6.54 -2.31 -1.74
C LEU A 367 7.26 -3.65 -1.61
N GLU A 368 7.01 -4.39 -0.53
CA GLU A 368 7.62 -5.71 -0.37
C GLU A 368 7.25 -6.65 -1.52
N PHE A 369 5.98 -6.63 -1.95
CA PHE A 369 5.59 -7.44 -3.12
C PHE A 369 6.34 -6.97 -4.37
N VAL A 370 6.42 -5.64 -4.59
CA VAL A 370 7.15 -5.11 -5.74
C VAL A 370 8.61 -5.56 -5.70
N GLU A 371 9.22 -5.58 -4.50
CA GLU A 371 10.63 -5.96 -4.33
C GLU A 371 10.89 -7.44 -4.61
N GLY A 372 9.86 -8.25 -4.79
CA GLY A 372 10.07 -9.68 -4.91
C GLY A 372 10.17 -10.44 -3.61
N LYS A 373 9.81 -9.83 -2.48
CA LYS A 373 9.92 -10.50 -1.19
C LYS A 373 8.80 -11.50 -0.95
N VAL A 374 9.11 -12.53 -0.17
CA VAL A 374 8.10 -13.45 0.34
C VAL A 374 7.23 -12.70 1.35
N LEU A 375 5.92 -12.78 1.19
CA LEU A 375 5.01 -12.20 2.18
C LEU A 375 4.66 -13.30 3.16
N PRO A 376 5.10 -13.22 4.41
CA PRO A 376 4.83 -14.33 5.37
C PRO A 376 3.36 -14.73 5.44
N ALA A 377 2.43 -13.77 5.46
CA ALA A 377 1.02 -14.13 5.54
C ALA A 377 0.58 -14.98 4.35
N VAL A 378 1.09 -14.67 3.15
CA VAL A 378 0.75 -15.50 2.00
C VAL A 378 1.48 -16.84 2.09
N GLU A 379 2.72 -16.83 2.57
CA GLU A 379 3.50 -18.07 2.64
C GLU A 379 2.80 -19.09 3.53
N VAL A 380 2.29 -18.66 4.68
CA VAL A 380 1.69 -19.65 5.57
C VAL A 380 0.42 -20.21 4.95
N LEU A 381 -0.33 -19.40 4.21
CA LEU A 381 -1.49 -19.91 3.49
C LEU A 381 -1.09 -20.95 2.44
N GLU A 382 -0.01 -20.68 1.71
CA GLU A 382 0.42 -21.63 0.69
C GLU A 382 0.88 -22.95 1.32
N SER A 383 1.55 -22.87 2.48
CA SER A 383 1.99 -24.12 3.10
C SER A 383 0.81 -24.94 3.58
N ARG A 384 -0.23 -24.29 4.11
CA ARG A 384 -1.39 -25.03 4.59
C ARG A 384 -2.05 -25.78 3.45
N ALA A 385 -2.22 -25.11 2.30
CA ALA A 385 -2.91 -25.73 1.15
C ALA A 385 -2.20 -26.99 0.68
N LYS A 386 -0.87 -26.91 0.49
CA LYS A 386 -0.11 -28.07 0.02
C LYS A 386 -0.29 -29.25 0.96
N ALA A 387 0.10 -29.07 2.23
CA ALA A 387 0.20 -30.13 3.23
C ALA A 387 -0.94 -31.16 3.22
#